data_2P2H
#
_entry.id   2P2H
#
_cell.length_a   66.595
_cell.length_b   136.915
_cell.length_c   58.725
_cell.angle_alpha   90.00
_cell.angle_beta   90.00
_cell.angle_gamma   90.00
#
_symmetry.space_group_name_H-M   'P 21 21 2'
#
loop_
_entity.id
_entity.type
_entity.pdbx_description
1 polymer 'Vascular endothelial growth factor receptor 2'
2 non-polymer 4-(2-anilinopyridin-3-yl)-N-(3,4,5-trimethoxyphenyl)-1,3,5-triazin-2-amine
3 water water
#
_entity_poly.entity_id   1
_entity_poly.type   'polypeptide(L)'
_entity_poly.pdbx_seq_one_letter_code
;EHAERLPYDASKWEFPRDRLKLGKPLGRGAFGQVIEADAFGIDKTATCRTVAVKMLKEGATHSEHRALMSELKILIHIGH
HLNVVNLLGACTKPGGPLMVITEFCKFGNLSTYLRSKRNEFVPYKVAPEDLYKDFLTLEHLICYSFQVAKGMEFLASRKC
IHRDLAARNILLSEKNVVKICDFGLARDI(PTR)KDPD(PTR)VRKGDARLPLKWMAPETIFDRVYTIQSDVWSFGVLLW
EIFSLGASPYPGVKIDEEFCRRLKEGTRMRAPDYTTPEMYQTMLDCWHGEPSQRPTFSELVEHLGNLLQANAQQDRHHHH
HH
;
_entity_poly.pdbx_strand_id   A
#
loop_
_chem_comp.id
_chem_comp.type
_chem_comp.name
_chem_comp.formula
994 non-polymer 4-(2-anilinopyridin-3-yl)-N-(3,4,5-trimethoxyphenyl)-1,3,5-triazin-2-amine 'C23 H22 N6 O3'
#
# COMPACT_ATOMS: atom_id res chain seq x y z
N GLU A 1 -7.45 -8.35 21.91
CA GLU A 1 -8.51 -7.91 20.97
C GLU A 1 -9.38 -6.84 21.61
N HIS A 2 -10.61 -6.71 21.12
CA HIS A 2 -11.55 -5.72 21.65
C HIS A 2 -10.95 -4.32 21.62
N ALA A 3 -10.20 -4.02 20.56
CA ALA A 3 -9.57 -2.71 20.43
C ALA A 3 -10.58 -1.56 20.46
N GLU A 4 -11.83 -1.85 20.07
CA GLU A 4 -12.85 -0.80 20.07
C GLU A 4 -13.10 -0.21 21.45
N ARG A 5 -12.69 -0.93 22.50
CA ARG A 5 -12.91 -0.46 23.87
C ARG A 5 -11.75 0.34 24.46
N LEU A 6 -10.74 0.63 23.65
CA LEU A 6 -9.58 1.40 24.10
C LEU A 6 -9.95 2.87 24.29
N PRO A 7 -9.28 3.56 25.22
CA PRO A 7 -9.55 4.97 25.50
C PRO A 7 -9.47 5.79 24.22
N TYR A 8 -10.39 6.74 24.05
CA TYR A 8 -10.44 7.59 22.87
C TYR A 8 -10.25 9.06 23.25
N ASP A 9 -9.25 9.70 22.64
CA ASP A 9 -8.97 11.11 22.91
C ASP A 9 -9.76 11.99 21.93
N ALA A 10 -10.97 12.37 22.32
CA ALA A 10 -11.83 13.19 21.48
C ALA A 10 -11.22 14.56 21.17
N SER A 11 -10.55 15.16 22.15
CA SER A 11 -9.95 16.47 21.94
C SER A 11 -9.00 16.45 20.74
N LYS A 12 -8.37 15.31 20.50
CA LYS A 12 -7.45 15.20 19.38
C LYS A 12 -8.07 14.70 18.08
N TRP A 13 -8.98 13.74 18.15
CA TRP A 13 -9.57 13.20 16.93
C TRP A 13 -11.00 13.57 16.51
N GLU A 14 -11.86 13.93 17.47
CA GLU A 14 -13.25 14.27 17.11
C GLU A 14 -13.35 15.41 16.11
N PHE A 15 -14.16 15.20 15.07
CA PHE A 15 -14.35 16.21 14.02
C PHE A 15 -15.84 16.53 13.84
N PRO A 16 -16.18 17.83 13.78
CA PRO A 16 -17.57 18.27 13.61
C PRO A 16 -18.20 17.72 12.34
N ARG A 17 -19.36 17.08 12.49
CA ARG A 17 -20.06 16.47 11.37
C ARG A 17 -20.42 17.42 10.22
N ASP A 18 -20.81 18.65 10.50
CA ASP A 18 -21.15 19.55 9.41
C ASP A 18 -19.94 20.21 8.75
N ARG A 19 -18.74 19.86 9.20
CA ARG A 19 -17.52 20.39 8.60
C ARG A 19 -17.06 19.35 7.58
N LEU A 20 -17.96 18.45 7.27
CA LEU A 20 -17.69 17.37 6.33
C LEU A 20 -18.82 17.34 5.30
N LYS A 21 -18.46 17.34 4.02
CA LYS A 21 -19.44 17.29 2.95
C LYS A 21 -19.22 16.00 2.17
N LEU A 22 -20.09 15.03 2.40
CA LEU A 22 -19.98 13.73 1.74
C LEU A 22 -20.22 13.80 0.25
N GLY A 23 -19.40 13.08 -0.50
CA GLY A 23 -19.53 13.07 -1.95
C GLY A 23 -19.83 11.69 -2.49
N LYS A 24 -19.19 11.35 -3.60
CA LYS A 24 -19.39 10.06 -4.25
C LYS A 24 -18.60 8.91 -3.61
N PRO A 25 -19.21 7.73 -3.55
CA PRO A 25 -18.60 6.52 -2.97
C PRO A 25 -17.37 6.08 -3.77
N LEU A 26 -16.38 5.55 -3.07
CA LEU A 26 -15.16 5.07 -3.72
C LEU A 26 -15.16 3.55 -3.74
N GLY A 27 -15.88 2.96 -2.79
CA GLY A 27 -15.98 1.52 -2.70
C GLY A 27 -16.85 1.14 -1.53
N ARG A 28 -17.10 -0.15 -1.34
CA ARG A 28 -17.95 -0.60 -0.24
C ARG A 28 -17.52 -1.99 0.24
N GLN A 33 -18.27 0.72 3.36
CA GLN A 33 -18.55 1.73 2.35
C GLN A 33 -17.68 2.96 2.52
N VAL A 34 -16.74 3.14 1.59
CA VAL A 34 -15.83 4.28 1.63
C VAL A 34 -16.32 5.41 0.73
N ILE A 35 -16.32 6.63 1.27
CA ILE A 35 -16.82 7.78 0.53
C ILE A 35 -15.81 8.93 0.42
N GLU A 36 -15.80 9.57 -0.74
CA GLU A 36 -14.93 10.72 -0.96
C GLU A 36 -15.68 11.90 -0.36
N ALA A 37 -14.96 12.87 0.19
CA ALA A 37 -15.62 14.00 0.80
C ALA A 37 -14.70 15.21 0.99
N ASP A 38 -15.32 16.34 1.27
CA ASP A 38 -14.59 17.58 1.50
C ASP A 38 -14.63 17.85 3.00
N ALA A 39 -13.49 18.22 3.55
CA ALA A 39 -13.40 18.51 4.98
C ALA A 39 -12.99 19.96 5.16
N PHE A 40 -13.55 20.61 6.17
CA PHE A 40 -13.28 22.00 6.46
C PHE A 40 -12.39 22.12 7.70
N GLY A 41 -11.13 22.49 7.49
CA GLY A 41 -10.19 22.67 8.58
C GLY A 41 -9.83 21.45 9.41
N ILE A 42 -9.71 20.29 8.78
CA ILE A 42 -9.37 19.08 9.53
C ILE A 42 -7.91 19.06 9.98
N ASP A 43 -7.05 19.80 9.27
CA ASP A 43 -5.64 19.88 9.63
C ASP A 43 -5.06 21.23 9.20
N LYS A 44 -3.82 21.50 9.58
CA LYS A 44 -3.18 22.77 9.24
C LYS A 44 -2.50 22.78 7.88
N THR A 45 -2.94 21.91 6.98
CA THR A 45 -2.34 21.86 5.64
C THR A 45 -3.11 22.73 4.65
N ALA A 46 -4.29 23.15 5.04
CA ALA A 46 -5.16 23.99 4.20
C ALA A 46 -6.52 24.13 4.85
N THR A 47 -7.31 25.11 4.40
CA THR A 47 -8.64 25.32 4.96
C THR A 47 -9.58 24.20 4.49
N CYS A 48 -9.40 23.75 3.26
CA CYS A 48 -10.21 22.68 2.70
C CYS A 48 -9.33 21.62 2.03
N ARG A 49 -9.73 20.37 2.18
CA ARG A 49 -9.00 19.26 1.57
C ARG A 49 -9.95 18.09 1.37
N THR A 50 -9.65 17.25 0.38
CA THR A 50 -10.48 16.09 0.11
C THR A 50 -10.04 15.01 1.10
N VAL A 51 -10.98 14.17 1.51
CA VAL A 51 -10.67 13.09 2.44
C VAL A 51 -11.48 11.87 2.08
N ALA A 52 -11.14 10.75 2.70
CA ALA A 52 -11.85 9.49 2.48
C ALA A 52 -12.60 9.24 3.78
N VAL A 53 -13.84 8.78 3.67
CA VAL A 53 -14.65 8.53 4.85
C VAL A 53 -15.27 7.14 4.86
N LYS A 54 -15.00 6.38 5.91
CA LYS A 54 -15.57 5.06 6.05
C LYS A 54 -16.74 5.27 7.01
N MET A 55 -17.96 5.05 6.51
CA MET A 55 -19.14 5.26 7.32
C MET A 55 -19.84 3.96 7.66
N LEU A 56 -20.33 3.87 8.89
CA LEU A 56 -21.04 2.67 9.33
C LEU A 56 -22.41 2.65 8.66
N LYS A 57 -22.66 1.61 7.88
CA LYS A 57 -23.95 1.49 7.18
C LYS A 57 -25.08 1.62 8.19
N GLU A 58 -26.19 2.21 7.79
CA GLU A 58 -27.32 2.35 8.71
C GLU A 58 -27.96 0.98 8.87
N GLY A 59 -28.40 0.68 10.09
CA GLY A 59 -29.02 -0.61 10.34
C GLY A 59 -27.95 -1.68 10.45
N ALA A 60 -26.71 -1.24 10.64
CA ALA A 60 -25.58 -2.16 10.79
C ALA A 60 -25.73 -2.90 12.11
N THR A 61 -25.14 -4.09 12.19
CA THR A 61 -25.21 -4.89 13.41
C THR A 61 -24.23 -4.38 14.46
N HIS A 62 -24.44 -4.80 15.71
CA HIS A 62 -23.57 -4.41 16.81
C HIS A 62 -22.15 -4.85 16.49
N SER A 63 -22.05 -6.06 15.97
CA SER A 63 -20.75 -6.64 15.61
C SER A 63 -20.03 -5.78 14.58
N GLU A 64 -20.77 -5.30 13.58
CA GLU A 64 -20.19 -4.47 12.53
C GLU A 64 -19.79 -3.11 13.10
N HIS A 65 -20.53 -2.64 14.11
CA HIS A 65 -20.22 -1.36 14.75
C HIS A 65 -18.90 -1.48 15.50
N ARG A 66 -18.76 -2.59 16.23
CA ARG A 66 -17.53 -2.84 16.99
C ARG A 66 -16.33 -2.94 16.04
N ALA A 67 -16.55 -3.55 14.88
CA ALA A 67 -15.49 -3.72 13.90
C ALA A 67 -14.95 -2.39 13.41
N LEU A 68 -15.84 -1.47 13.08
CA LEU A 68 -15.42 -0.15 12.58
C LEU A 68 -14.74 0.66 13.68
N MET A 69 -15.26 0.57 14.90
CA MET A 69 -14.68 1.30 16.01
C MET A 69 -13.29 0.74 16.28
N SER A 70 -13.17 -0.57 16.16
CA SER A 70 -11.87 -1.23 16.37
C SER A 70 -10.86 -0.72 15.35
N GLU A 71 -11.30 -0.55 14.11
CA GLU A 71 -10.42 -0.08 13.05
C GLU A 71 -9.90 1.32 13.41
N LEU A 72 -10.79 2.18 13.89
CA LEU A 72 -10.41 3.52 14.29
C LEU A 72 -9.34 3.47 15.37
N LYS A 73 -9.60 2.67 16.41
CA LYS A 73 -8.65 2.55 17.52
C LYS A 73 -7.29 2.00 17.06
N ILE A 74 -7.32 1.05 16.13
CA ILE A 74 -6.08 0.47 15.62
C ILE A 74 -5.29 1.54 14.84
N LEU A 75 -5.98 2.31 14.03
CA LEU A 75 -5.34 3.37 13.28
C LEU A 75 -4.66 4.35 14.24
N ILE A 76 -5.37 4.74 15.29
CA ILE A 76 -4.82 5.65 16.27
C ILE A 76 -3.59 5.04 16.92
N HIS A 77 -3.69 3.78 17.32
CA HIS A 77 -2.58 3.10 17.96
C HIS A 77 -1.33 3.06 17.07
N ILE A 78 -1.51 2.66 15.83
CA ILE A 78 -0.39 2.56 14.90
C ILE A 78 0.37 3.86 14.70
N GLY A 79 -0.33 4.96 14.49
CA GLY A 79 0.36 6.23 14.32
C GLY A 79 0.55 6.65 12.88
N HIS A 80 1.15 7.83 12.72
CA HIS A 80 1.37 8.42 11.41
C HIS A 80 2.68 8.13 10.69
N HIS A 81 2.59 8.07 9.36
CA HIS A 81 3.76 7.86 8.51
C HIS A 81 3.36 8.30 7.11
N LEU A 82 4.27 9.02 6.44
CA LEU A 82 4.00 9.52 5.10
C LEU A 82 3.55 8.47 4.10
N ASN A 83 4.07 7.25 4.24
CA ASN A 83 3.74 6.21 3.29
C ASN A 83 2.63 5.22 3.63
N VAL A 84 1.69 5.68 4.45
CA VAL A 84 0.51 4.89 4.79
C VAL A 84 -0.66 5.87 4.71
N VAL A 85 -1.86 5.35 4.48
CA VAL A 85 -3.06 6.20 4.42
C VAL A 85 -3.35 6.55 5.88
N ASN A 86 -3.14 7.82 6.23
CA ASN A 86 -3.31 8.25 7.61
C ASN A 86 -4.70 8.68 8.08
N LEU A 87 -4.97 8.43 9.35
CA LEU A 87 -6.22 8.82 9.97
C LEU A 87 -6.13 10.34 10.16
N LEU A 88 -7.23 11.03 9.90
CA LEU A 88 -7.26 12.48 10.04
C LEU A 88 -8.21 12.89 11.16
N GLY A 89 -9.30 12.14 11.31
CA GLY A 89 -10.27 12.45 12.35
C GLY A 89 -11.38 11.42 12.40
N ALA A 90 -12.37 11.67 13.24
CA ALA A 90 -13.49 10.75 13.38
C ALA A 90 -14.71 11.46 13.97
N CYS A 91 -15.89 10.94 13.66
CA CYS A 91 -17.15 11.46 14.16
C CYS A 91 -17.72 10.30 14.94
N THR A 92 -17.64 10.37 16.26
CA THR A 92 -18.10 9.28 17.11
C THR A 92 -19.23 9.63 18.07
N LYS A 93 -19.39 10.92 18.36
CA LYS A 93 -20.43 11.36 19.29
C LYS A 93 -21.85 11.26 18.76
N PRO A 94 -22.84 11.23 19.68
CA PRO A 94 -24.27 11.15 19.31
C PRO A 94 -24.67 12.27 18.35
N GLY A 95 -25.68 12.01 17.54
CA GLY A 95 -26.15 13.01 16.61
C GLY A 95 -25.92 12.62 15.16
N GLY A 96 -25.22 11.50 14.95
CA GLY A 96 -24.96 11.05 13.60
C GLY A 96 -24.24 9.73 13.59
N PRO A 97 -24.00 9.16 12.40
CA PRO A 97 -23.32 7.88 12.25
C PRO A 97 -21.84 7.94 12.58
N LEU A 98 -21.25 6.77 12.86
CA LEU A 98 -19.82 6.68 13.16
C LEU A 98 -19.08 6.84 11.83
N MET A 99 -18.10 7.73 11.81
CA MET A 99 -17.34 7.96 10.60
C MET A 99 -15.85 8.03 10.90
N VAL A 100 -15.06 7.37 10.06
CA VAL A 100 -13.61 7.39 10.23
C VAL A 100 -13.07 8.12 9.01
N ILE A 101 -12.30 9.17 9.25
CA ILE A 101 -11.77 10.01 8.19
C ILE A 101 -10.27 9.86 7.97
N THR A 102 -9.88 9.59 6.73
CA THR A 102 -8.47 9.44 6.40
C THR A 102 -8.06 10.30 5.21
N GLU A 103 -6.76 10.33 4.95
CA GLU A 103 -6.23 11.07 3.82
C GLU A 103 -6.86 10.49 2.57
N PHE A 104 -6.90 11.29 1.50
CA PHE A 104 -7.48 10.84 0.25
C PHE A 104 -6.38 10.76 -0.81
N CYS A 105 -6.36 9.65 -1.55
CA CYS A 105 -5.37 9.44 -2.60
C CYS A 105 -6.07 9.56 -3.95
N LYS A 106 -5.95 10.73 -4.55
CA LYS A 106 -6.57 11.08 -5.82
C LYS A 106 -6.47 10.12 -7.00
N PHE A 107 -5.31 9.48 -7.17
CA PHE A 107 -5.09 8.60 -8.33
C PHE A 107 -5.41 7.11 -8.23
N GLY A 108 -6.00 6.68 -7.12
CA GLY A 108 -6.35 5.28 -7.00
C GLY A 108 -5.20 4.32 -6.76
N ASN A 109 -5.47 3.02 -6.95
CA ASN A 109 -4.47 1.99 -6.71
C ASN A 109 -3.37 1.94 -7.77
N LEU A 110 -2.18 1.56 -7.32
CA LEU A 110 -0.99 1.50 -8.15
C LEU A 110 -1.02 0.53 -9.33
N SER A 111 -1.64 -0.64 -9.14
CA SER A 111 -1.70 -1.62 -10.22
C SER A 111 -2.43 -1.04 -11.43
N THR A 112 -3.58 -0.44 -11.18
CA THR A 112 -4.37 0.13 -12.27
C THR A 112 -3.63 1.29 -12.93
N TYR A 113 -3.01 2.14 -12.11
CA TYR A 113 -2.26 3.27 -12.65
C TYR A 113 -1.11 2.84 -13.55
N LEU A 114 -0.30 1.90 -13.07
CA LEU A 114 0.84 1.43 -13.86
C LEU A 114 0.37 0.84 -15.19
N ARG A 115 -0.74 0.12 -15.16
CA ARG A 115 -1.24 -0.47 -16.41
C ARG A 115 -1.62 0.61 -17.42
N SER A 116 -2.00 1.79 -16.94
CA SER A 116 -2.37 2.87 -17.83
C SER A 116 -1.16 3.58 -18.43
N LYS A 117 0.03 3.25 -17.95
CA LYS A 117 1.27 3.86 -18.44
C LYS A 117 2.13 2.90 -19.28
N ARG A 118 1.57 1.78 -19.71
CA ARG A 118 2.31 0.81 -20.49
C ARG A 118 3.02 1.42 -21.71
N ASN A 119 2.36 2.36 -22.38
CA ASN A 119 2.97 2.98 -23.55
C ASN A 119 3.52 4.36 -23.21
N GLU A 120 3.69 4.63 -21.91
CA GLU A 120 4.23 5.90 -21.46
C GLU A 120 5.32 5.68 -20.42
N PHE A 121 6.27 4.83 -20.79
CA PHE A 121 7.40 4.51 -19.93
C PHE A 121 8.70 4.35 -20.73
N VAL A 122 9.78 4.91 -20.20
CA VAL A 122 11.11 4.79 -20.81
C VAL A 122 12.05 4.71 -19.61
N PRO A 123 13.10 3.89 -19.69
CA PRO A 123 14.04 3.76 -18.57
C PRO A 123 14.50 5.14 -18.11
N TYR A 124 14.99 5.93 -19.07
CA TYR A 124 15.45 7.29 -18.81
C TYR A 124 14.99 8.17 -19.96
N LYS A 125 14.65 9.42 -19.68
CA LYS A 125 14.22 10.32 -20.73
C LYS A 125 15.46 10.80 -21.46
N VAL A 126 15.27 11.29 -22.69
CA VAL A 126 16.37 11.81 -23.50
C VAL A 126 15.94 13.18 -23.98
N ALA A 127 16.88 14.13 -24.04
CA ALA A 127 16.56 15.49 -24.49
C ALA A 127 16.30 15.49 -26.00
N PRO A 128 15.27 16.23 -26.45
CA PRO A 128 14.35 17.04 -25.64
C PRO A 128 13.40 16.16 -24.85
N GLU A 129 13.38 16.36 -23.53
CA GLU A 129 12.56 15.56 -22.63
C GLU A 129 11.05 15.72 -22.78
N ASP A 130 10.61 16.79 -23.43
CA ASP A 130 9.18 17.01 -23.61
C ASP A 130 8.52 15.92 -24.43
N LEU A 131 9.33 15.12 -25.12
CA LEU A 131 8.78 14.02 -25.91
C LEU A 131 8.31 12.92 -24.96
N TYR A 132 8.73 13.02 -23.70
CA TYR A 132 8.37 12.02 -22.68
C TYR A 132 7.64 12.67 -21.52
N LYS A 133 6.90 13.74 -21.80
CA LYS A 133 6.17 14.44 -20.76
C LYS A 133 5.26 13.47 -20.01
N ASP A 134 5.38 13.50 -18.68
CA ASP A 134 4.60 12.65 -17.79
C ASP A 134 4.82 11.14 -17.89
N PHE A 135 5.85 10.73 -18.64
CA PHE A 135 6.16 9.30 -18.75
C PHE A 135 6.72 8.82 -17.41
N LEU A 136 6.59 7.52 -17.17
CA LEU A 136 7.17 6.93 -15.97
C LEU A 136 8.58 6.56 -16.42
N THR A 137 9.49 6.41 -15.46
CA THR A 137 10.87 6.05 -15.75
C THR A 137 11.33 5.09 -14.66
N LEU A 138 12.55 4.56 -14.79
CA LEU A 138 13.06 3.66 -13.77
C LEU A 138 13.07 4.37 -12.42
N GLU A 139 13.32 5.68 -12.44
CA GLU A 139 13.35 6.44 -11.19
C GLU A 139 12.00 6.35 -10.47
N HIS A 140 10.91 6.50 -11.22
CA HIS A 140 9.57 6.44 -10.62
C HIS A 140 9.34 5.08 -9.98
N LEU A 141 9.60 4.02 -10.74
CA LEU A 141 9.38 2.67 -10.26
C LEU A 141 10.20 2.33 -9.02
N ILE A 142 11.48 2.68 -9.03
CA ILE A 142 12.34 2.41 -7.87
C ILE A 142 11.85 3.24 -6.69
N CYS A 143 11.45 4.48 -6.96
CA CYS A 143 10.95 5.37 -5.91
C CYS A 143 9.68 4.80 -5.28
N TYR A 144 8.76 4.31 -6.09
CA TYR A 144 7.52 3.71 -5.56
C TYR A 144 7.89 2.55 -4.64
N SER A 145 8.84 1.73 -5.09
CA SER A 145 9.29 0.57 -4.33
C SER A 145 9.89 1.00 -2.99
N PHE A 146 10.73 2.02 -3.06
CA PHE A 146 11.41 2.60 -1.90
C PHE A 146 10.37 3.10 -0.89
N GLN A 147 9.36 3.82 -1.38
CA GLN A 147 8.32 4.35 -0.52
C GLN A 147 7.53 3.26 0.21
N VAL A 148 7.12 2.22 -0.51
CA VAL A 148 6.35 1.16 0.13
C VAL A 148 7.21 0.45 1.18
N ALA A 149 8.49 0.26 0.86
CA ALA A 149 9.40 -0.40 1.79
C ALA A 149 9.49 0.42 3.08
N LYS A 150 9.51 1.75 2.95
CA LYS A 150 9.58 2.61 4.14
C LYS A 150 8.27 2.54 4.91
N GLY A 151 7.16 2.41 4.18
CA GLY A 151 5.86 2.32 4.83
C GLY A 151 5.75 1.00 5.58
N MET A 152 6.28 -0.07 5.01
CA MET A 152 6.22 -1.37 5.66
C MET A 152 7.20 -1.45 6.82
N GLU A 153 8.33 -0.77 6.69
CA GLU A 153 9.31 -0.77 7.78
C GLU A 153 8.62 -0.14 9.00
N PHE A 154 7.86 0.92 8.76
CA PHE A 154 7.13 1.57 9.84
C PHE A 154 6.04 0.68 10.42
N LEU A 155 5.24 0.06 9.56
CA LEU A 155 4.17 -0.81 10.04
C LEU A 155 4.75 -1.98 10.84
N ALA A 156 5.84 -2.55 10.35
CA ALA A 156 6.48 -3.66 11.04
C ALA A 156 6.97 -3.19 12.40
N SER A 157 7.49 -1.97 12.48
CA SER A 157 7.99 -1.43 13.75
C SER A 157 6.87 -1.22 14.76
N ARG A 158 5.64 -1.14 14.28
CA ARG A 158 4.48 -0.96 15.15
C ARG A 158 3.80 -2.30 15.39
N LYS A 159 4.47 -3.37 14.97
CA LYS A 159 3.96 -4.73 15.12
C LYS A 159 2.70 -5.00 14.31
N CYS A 160 2.55 -4.29 13.19
CA CYS A 160 1.39 -4.48 12.34
C CYS A 160 1.76 -5.37 11.15
N ILE A 161 1.06 -6.49 11.01
CA ILE A 161 1.28 -7.42 9.90
C ILE A 161 0.15 -7.14 8.92
N HIS A 162 0.50 -6.70 7.71
CA HIS A 162 -0.51 -6.34 6.71
C HIS A 162 -1.39 -7.50 6.26
N ARG A 163 -0.76 -8.58 5.82
CA ARG A 163 -1.47 -9.78 5.36
C ARG A 163 -1.97 -9.75 3.93
N ASP A 164 -2.09 -8.56 3.34
CA ASP A 164 -2.58 -8.45 1.98
C ASP A 164 -1.80 -7.38 1.20
N LEU A 165 -0.48 -7.39 1.36
CA LEU A 165 0.35 -6.41 0.68
C LEU A 165 0.40 -6.75 -0.82
N ALA A 166 -0.14 -5.84 -1.63
CA ALA A 166 -0.20 -6.04 -3.07
C ALA A 166 -0.35 -4.66 -3.73
N ALA A 167 -0.02 -4.57 -5.01
CA ALA A 167 -0.13 -3.29 -5.70
C ALA A 167 -1.52 -2.69 -5.62
N ARG A 168 -2.55 -3.52 -5.61
CA ARG A 168 -3.92 -3.03 -5.53
C ARG A 168 -4.16 -2.28 -4.22
N ASN A 169 -3.34 -2.56 -3.21
CA ASN A 169 -3.47 -1.91 -1.92
C ASN A 169 -2.49 -0.76 -1.67
N ILE A 170 -1.86 -0.29 -2.74
CA ILE A 170 -0.96 0.85 -2.66
C ILE A 170 -1.70 1.94 -3.43
N LEU A 171 -1.94 3.09 -2.80
CA LEU A 171 -2.66 4.17 -3.46
C LEU A 171 -1.71 5.31 -3.84
N LEU A 172 -2.01 5.97 -4.96
CA LEU A 172 -1.18 7.05 -5.46
C LEU A 172 -1.78 8.44 -5.19
N SER A 173 -0.95 9.34 -4.67
CA SER A 173 -1.35 10.71 -4.40
C SER A 173 -0.56 11.62 -5.33
N GLU A 174 -0.67 12.92 -5.14
CA GLU A 174 0.05 13.86 -5.98
C GLU A 174 1.55 13.79 -5.67
N LYS A 175 2.35 14.31 -6.59
CA LYS A 175 3.80 14.33 -6.42
C LYS A 175 4.41 12.93 -6.30
N ASN A 176 3.78 11.97 -6.95
CA ASN A 176 4.23 10.58 -6.95
C ASN A 176 4.43 9.99 -5.55
N VAL A 177 3.57 10.37 -4.63
CA VAL A 177 3.64 9.85 -3.27
C VAL A 177 2.72 8.63 -3.20
N VAL A 178 3.23 7.50 -2.74
CA VAL A 178 2.38 6.32 -2.63
C VAL A 178 2.19 5.97 -1.16
N LYS A 179 1.00 5.45 -0.86
CA LYS A 179 0.65 5.09 0.51
C LYS A 179 0.04 3.70 0.61
N ILE A 180 0.38 2.97 1.67
CA ILE A 180 -0.17 1.64 1.89
C ILE A 180 -1.53 1.79 2.52
N CYS A 181 -2.52 1.06 2.02
CA CYS A 181 -3.87 1.13 2.56
C CYS A 181 -4.33 -0.22 3.10
N ASP A 182 -5.46 -0.20 3.81
CA ASP A 182 -6.06 -1.40 4.39
C ASP A 182 -5.13 -2.16 5.33
N PHE A 183 -4.41 -1.44 6.18
CA PHE A 183 -3.48 -2.07 7.11
C PHE A 183 -4.04 -2.16 8.54
N GLY A 184 -5.08 -1.40 8.82
CA GLY A 184 -5.65 -1.43 10.16
C GLY A 184 -6.99 -2.14 10.24
N LEU A 185 -7.23 -3.09 9.34
CA LEU A 185 -8.49 -3.83 9.30
C LEU A 185 -8.71 -4.76 10.48
N ALA A 186 -9.94 -5.25 10.61
CA ALA A 186 -10.31 -6.17 11.67
C ALA A 186 -10.30 -7.62 11.18
N ARG A 202 -9.08 -11.02 -5.88
CA ARG A 202 -9.16 -12.45 -6.17
C ARG A 202 -7.77 -13.07 -6.21
N LEU A 203 -7.71 -14.39 -6.03
CA LEU A 203 -6.46 -15.12 -6.06
C LEU A 203 -5.41 -14.57 -5.09
N PRO A 204 -5.78 -14.38 -3.81
CA PRO A 204 -4.84 -13.85 -2.80
C PRO A 204 -3.65 -14.78 -2.60
N LEU A 205 -3.82 -16.03 -3.03
CA LEU A 205 -2.78 -17.03 -2.90
C LEU A 205 -1.51 -16.66 -3.67
N LYS A 206 -1.67 -15.87 -4.73
CA LYS A 206 -0.51 -15.47 -5.54
C LYS A 206 0.44 -14.52 -4.83
N TRP A 207 0.01 -13.97 -3.69
CA TRP A 207 0.83 -13.05 -2.90
C TRP A 207 1.26 -13.67 -1.56
N MET A 208 0.83 -14.90 -1.31
CA MET A 208 1.14 -15.57 -0.05
C MET A 208 2.42 -16.38 -0.02
N ALA A 209 3.15 -16.27 1.09
CA ALA A 209 4.39 -17.02 1.27
C ALA A 209 4.01 -18.49 1.46
N PRO A 210 4.91 -19.41 1.08
CA PRO A 210 4.70 -20.86 1.21
C PRO A 210 4.24 -21.31 2.60
N GLU A 211 4.92 -20.82 3.64
CA GLU A 211 4.57 -21.22 5.00
C GLU A 211 3.15 -20.78 5.35
N THR A 212 2.72 -19.67 4.76
CA THR A 212 1.37 -19.15 5.02
C THR A 212 0.30 -19.95 4.29
N ILE A 213 0.63 -20.43 3.10
CA ILE A 213 -0.30 -21.22 2.31
C ILE A 213 -0.58 -22.55 3.02
N PHE A 214 0.49 -23.20 3.47
CA PHE A 214 0.35 -24.50 4.13
C PHE A 214 0.09 -24.46 5.63
N ASP A 215 0.57 -23.42 6.33
CA ASP A 215 0.40 -23.35 7.78
C ASP A 215 -0.57 -22.27 8.28
N ARG A 216 -1.01 -21.40 7.37
CA ARG A 216 -1.96 -20.34 7.70
C ARG A 216 -1.52 -19.20 8.62
N VAL A 217 -0.27 -19.17 9.04
CA VAL A 217 0.15 -18.09 9.92
C VAL A 217 0.87 -16.95 9.19
N TYR A 218 0.44 -15.72 9.46
CA TYR A 218 1.03 -14.55 8.83
C TYR A 218 2.04 -13.91 9.78
N THR A 219 3.15 -13.44 9.21
CA THR A 219 4.20 -12.81 10.00
C THR A 219 4.77 -11.66 9.20
N ILE A 220 5.68 -10.90 9.80
CA ILE A 220 6.29 -9.80 9.11
C ILE A 220 7.10 -10.38 7.94
N GLN A 221 7.62 -11.59 8.14
CA GLN A 221 8.40 -12.26 7.08
C GLN A 221 7.54 -12.68 5.90
N SER A 222 6.27 -13.00 6.14
CA SER A 222 5.41 -13.38 5.02
C SER A 222 5.02 -12.11 4.28
N ASP A 223 5.02 -10.98 4.98
CA ASP A 223 4.71 -9.69 4.35
C ASP A 223 5.87 -9.35 3.40
N VAL A 224 7.09 -9.73 3.78
CA VAL A 224 8.26 -9.48 2.93
C VAL A 224 8.13 -10.25 1.63
N TRP A 225 7.60 -11.47 1.72
CA TRP A 225 7.40 -12.29 0.52
C TRP A 225 6.42 -11.55 -0.39
N SER A 226 5.32 -11.07 0.19
CA SER A 226 4.31 -10.34 -0.56
C SER A 226 4.91 -9.10 -1.20
N PHE A 227 5.81 -8.44 -0.47
CA PHE A 227 6.48 -7.25 -0.98
C PHE A 227 7.21 -7.62 -2.26
N GLY A 228 7.78 -8.82 -2.28
CA GLY A 228 8.48 -9.29 -3.45
C GLY A 228 7.55 -9.39 -4.65
N VAL A 229 6.33 -9.89 -4.43
CA VAL A 229 5.37 -9.99 -5.53
C VAL A 229 4.98 -8.57 -5.96
N LEU A 230 4.84 -7.67 -4.99
CA LEU A 230 4.49 -6.29 -5.28
C LEU A 230 5.57 -5.65 -6.16
N LEU A 231 6.83 -5.98 -5.90
CA LEU A 231 7.91 -5.44 -6.72
C LEU A 231 7.74 -5.96 -8.15
N TRP A 232 7.39 -7.23 -8.27
CA TRP A 232 7.19 -7.81 -9.59
C TRP A 232 6.05 -7.04 -10.29
N GLU A 233 4.99 -6.75 -9.53
CA GLU A 233 3.86 -6.00 -10.10
C GLU A 233 4.32 -4.63 -10.59
N ILE A 234 5.18 -3.98 -9.81
CA ILE A 234 5.66 -2.66 -10.18
C ILE A 234 6.51 -2.69 -11.43
N PHE A 235 7.44 -3.63 -11.50
CA PHE A 235 8.32 -3.68 -12.67
C PHE A 235 7.81 -4.48 -13.86
N SER A 236 6.51 -4.77 -13.85
CA SER A 236 5.82 -5.43 -14.96
C SER A 236 4.77 -4.40 -15.36
N LEU A 237 4.79 -3.26 -14.68
CA LEU A 237 3.82 -2.17 -14.91
C LEU A 237 2.38 -2.65 -14.73
N GLY A 238 2.10 -3.22 -13.55
CA GLY A 238 0.76 -3.67 -13.24
C GLY A 238 0.26 -4.98 -13.80
N ALA A 239 1.17 -5.86 -14.21
CA ALA A 239 0.74 -7.14 -14.74
C ALA A 239 0.24 -8.05 -13.61
N SER A 240 -0.45 -9.12 -13.97
CA SER A 240 -0.98 -10.07 -13.01
C SER A 240 0.06 -11.15 -12.70
N PRO A 241 0.41 -11.33 -11.41
CA PRO A 241 1.39 -12.33 -10.97
C PRO A 241 1.15 -13.73 -11.55
N TYR A 242 2.23 -14.45 -11.84
CA TYR A 242 2.18 -15.79 -12.42
C TYR A 242 1.24 -15.82 -13.64
N PRO A 243 1.61 -15.09 -14.70
CA PRO A 243 0.85 -14.97 -15.95
C PRO A 243 0.29 -16.27 -16.51
N GLY A 244 -1.03 -16.36 -16.54
CA GLY A 244 -1.71 -17.53 -17.09
C GLY A 244 -1.60 -18.84 -16.32
N VAL A 245 -0.94 -18.83 -15.17
CA VAL A 245 -0.76 -20.03 -14.37
C VAL A 245 -1.98 -20.34 -13.51
N LYS A 246 -2.42 -21.60 -13.52
CA LYS A 246 -3.55 -22.01 -12.71
C LYS A 246 -3.06 -22.06 -11.27
N ILE A 247 -3.75 -21.38 -10.36
CA ILE A 247 -3.32 -21.36 -8.96
C ILE A 247 -4.01 -22.48 -8.19
N ASP A 248 -3.48 -23.69 -8.36
CA ASP A 248 -4.02 -24.88 -7.72
C ASP A 248 -2.96 -25.58 -6.86
N GLU A 249 -3.24 -26.82 -6.47
CA GLU A 249 -2.32 -27.57 -5.63
C GLU A 249 -0.96 -27.75 -6.29
N GLU A 250 -0.96 -27.95 -7.59
CA GLU A 250 0.29 -28.13 -8.33
C GLU A 250 1.13 -26.86 -8.19
N PHE A 251 0.47 -25.70 -8.26
CA PHE A 251 1.17 -24.43 -8.12
C PHE A 251 1.80 -24.35 -6.74
N CYS A 252 0.98 -24.57 -5.71
CA CYS A 252 1.45 -24.53 -4.34
C CYS A 252 2.64 -25.46 -4.14
N ARG A 253 2.54 -26.67 -4.65
CA ARG A 253 3.60 -27.66 -4.53
C ARG A 253 4.89 -27.15 -5.20
N ARG A 254 4.76 -26.65 -6.42
CA ARG A 254 5.92 -26.14 -7.14
C ARG A 254 6.55 -24.93 -6.47
N LEU A 255 5.72 -24.10 -5.85
CA LEU A 255 6.21 -22.90 -5.16
C LEU A 255 7.04 -23.35 -3.97
N LYS A 256 6.53 -24.34 -3.24
CA LYS A 256 7.23 -24.87 -2.08
C LYS A 256 8.54 -25.50 -2.52
N GLU A 257 8.56 -26.05 -3.73
CA GLU A 257 9.76 -26.71 -4.26
C GLU A 257 10.83 -25.73 -4.74
N GLY A 258 10.45 -24.48 -4.99
CA GLY A 258 11.43 -23.51 -5.45
C GLY A 258 11.12 -22.71 -6.69
N THR A 259 10.02 -23.03 -7.37
CA THR A 259 9.65 -22.31 -8.58
C THR A 259 9.30 -20.85 -8.26
N ARG A 260 9.81 -19.94 -9.08
CA ARG A 260 9.56 -18.50 -8.90
C ARG A 260 9.29 -17.87 -10.25
N MET A 261 8.63 -16.71 -10.26
CA MET A 261 8.35 -16.01 -11.50
C MET A 261 9.64 -15.56 -12.16
N ARG A 262 9.60 -15.42 -13.48
CA ARG A 262 10.77 -14.95 -14.24
C ARG A 262 10.76 -13.43 -14.11
N ALA A 263 11.86 -12.80 -14.45
CA ALA A 263 11.97 -11.34 -14.37
C ALA A 263 10.92 -10.64 -15.22
N PRO A 264 10.33 -9.54 -14.69
CA PRO A 264 9.31 -8.78 -15.40
C PRO A 264 10.00 -7.95 -16.49
N ASP A 265 9.22 -7.49 -17.47
CA ASP A 265 9.76 -6.74 -18.60
C ASP A 265 10.53 -5.44 -18.32
N TYR A 266 10.22 -4.74 -17.25
CA TYR A 266 10.89 -3.47 -16.99
C TYR A 266 11.85 -3.44 -15.81
N THR A 267 12.14 -4.61 -15.26
CA THR A 267 13.03 -4.68 -14.11
C THR A 267 14.49 -4.39 -14.44
N THR A 268 15.27 -4.13 -13.40
CA THR A 268 16.71 -3.93 -13.52
C THR A 268 17.24 -5.25 -12.95
N PRO A 269 18.51 -5.58 -13.21
CA PRO A 269 19.02 -6.85 -12.67
C PRO A 269 19.00 -6.89 -11.14
N GLU A 270 19.31 -5.76 -10.50
CA GLU A 270 19.32 -5.69 -9.04
C GLU A 270 17.93 -5.85 -8.44
N MET A 271 16.92 -5.26 -9.08
CA MET A 271 15.56 -5.37 -8.56
C MET A 271 15.04 -6.80 -8.63
N TYR A 272 15.39 -7.53 -9.69
CA TYR A 272 14.93 -8.91 -9.80
C TYR A 272 15.60 -9.77 -8.72
N GLN A 273 16.88 -9.55 -8.45
CA GLN A 273 17.55 -10.33 -7.42
C GLN A 273 16.87 -10.03 -6.07
N THR A 274 16.48 -8.79 -5.86
CA THR A 274 15.79 -8.41 -4.63
C THR A 274 14.46 -9.15 -4.55
N MET A 275 13.80 -9.33 -5.70
CA MET A 275 12.53 -10.08 -5.71
C MET A 275 12.83 -11.50 -5.25
N LEU A 276 13.89 -12.10 -5.79
CA LEU A 276 14.26 -13.46 -5.41
C LEU A 276 14.63 -13.55 -3.94
N ASP A 277 15.28 -12.50 -3.40
CA ASP A 277 15.65 -12.49 -1.99
C ASP A 277 14.41 -12.50 -1.11
N CYS A 278 13.41 -11.71 -1.49
CA CYS A 278 12.16 -11.65 -0.74
C CYS A 278 11.41 -12.98 -0.83
N TRP A 279 11.65 -13.73 -1.89
CA TRP A 279 10.99 -15.02 -2.07
C TRP A 279 11.83 -16.18 -1.58
N HIS A 280 12.73 -15.93 -0.62
CA HIS A 280 13.56 -17.01 -0.11
C HIS A 280 12.61 -18.01 0.56
N GLY A 281 12.85 -19.30 0.31
CA GLY A 281 12.00 -20.32 0.89
C GLY A 281 11.99 -20.27 2.40
N GLU A 282 13.12 -19.89 2.99
CA GLU A 282 13.22 -19.80 4.44
C GLU A 282 12.93 -18.38 4.93
N PRO A 283 11.82 -18.21 5.68
CA PRO A 283 11.37 -16.94 6.24
C PRO A 283 12.46 -16.12 6.90
N SER A 284 13.29 -16.79 7.70
CA SER A 284 14.38 -16.11 8.41
C SER A 284 15.51 -15.67 7.50
N GLN A 285 15.50 -16.13 6.25
CA GLN A 285 16.56 -15.77 5.31
C GLN A 285 16.18 -14.61 4.38
N ARG A 286 14.93 -14.17 4.46
CA ARG A 286 14.48 -13.05 3.63
C ARG A 286 14.98 -11.74 4.22
N PRO A 287 15.12 -10.71 3.39
CA PRO A 287 15.60 -9.45 3.96
C PRO A 287 14.52 -8.85 4.86
N THR A 288 14.92 -7.95 5.75
CA THR A 288 13.97 -7.29 6.63
C THR A 288 13.55 -6.02 5.89
N PHE A 289 12.46 -5.40 6.29
CA PHE A 289 12.04 -4.18 5.62
C PHE A 289 13.07 -3.06 5.81
N SER A 290 13.74 -3.03 6.96
CA SER A 290 14.78 -2.03 7.18
C SER A 290 15.90 -2.24 6.16
N GLU A 291 16.26 -3.51 5.93
CA GLU A 291 17.31 -3.82 4.97
C GLU A 291 16.86 -3.46 3.55
N LEU A 292 15.58 -3.69 3.27
CA LEU A 292 15.01 -3.37 1.96
C LEU A 292 15.01 -1.85 1.77
N VAL A 293 14.72 -1.13 2.84
CA VAL A 293 14.72 0.33 2.76
C VAL A 293 16.13 0.84 2.41
N GLU A 294 17.13 0.31 3.09
CA GLU A 294 18.51 0.74 2.83
C GLU A 294 18.94 0.39 1.40
N HIS A 295 18.62 -0.83 0.98
CA HIS A 295 18.99 -1.30 -0.35
C HIS A 295 18.28 -0.53 -1.48
N LEU A 296 16.97 -0.37 -1.38
CA LEU A 296 16.22 0.33 -2.43
C LEU A 296 16.66 1.79 -2.52
N GLY A 297 16.98 2.38 -1.37
CA GLY A 297 17.45 3.75 -1.37
C GLY A 297 18.76 3.81 -2.13
N ASN A 298 19.62 2.83 -1.92
CA ASN A 298 20.90 2.78 -2.61
C ASN A 298 20.71 2.62 -4.11
N LEU A 299 19.73 1.80 -4.51
CA LEU A 299 19.45 1.59 -5.93
C LEU A 299 18.86 2.83 -6.58
N LEU A 300 18.04 3.59 -5.84
CA LEU A 300 17.45 4.81 -6.37
C LEU A 300 18.57 5.82 -6.64
N GLN A 301 19.50 5.90 -5.70
CA GLN A 301 20.64 6.79 -5.79
C GLN A 301 21.55 6.40 -6.96
N ALA A 302 21.80 5.10 -7.09
CA ALA A 302 22.65 4.60 -8.18
C ALA A 302 21.99 4.80 -9.54
N ASN A 303 20.67 4.70 -9.60
CA ASN A 303 19.97 4.89 -10.88
C ASN A 303 20.14 6.32 -11.37
N ALA A 304 20.10 7.27 -10.46
CA ALA A 304 20.26 8.68 -10.79
C ALA A 304 21.65 8.91 -11.40
N GLN A 305 22.63 8.20 -10.87
CA GLN A 305 24.01 8.31 -11.35
C GLN A 305 24.14 7.88 -12.81
N GLN A 306 23.13 7.19 -13.32
CA GLN A 306 23.13 6.75 -14.72
C GLN A 306 22.59 7.82 -15.66
N ASP A 307 21.80 8.74 -15.11
CA ASP A 307 21.18 9.82 -15.88
C ASP A 307 21.98 11.11 -15.65
N ARG A 308 23.04 11.32 -16.44
CA ARG A 308 23.89 12.48 -16.24
C ARG A 308 23.91 13.57 -17.31
N HIS A 309 22.97 13.54 -18.25
CA HIS A 309 22.91 14.55 -19.30
C HIS A 309 22.98 15.97 -18.71
N HIS A 310 22.26 16.20 -17.62
CA HIS A 310 22.21 17.51 -17.00
C HIS A 310 23.19 17.73 -15.84
N HIS A 311 24.15 16.84 -15.69
CA HIS A 311 25.14 16.98 -14.62
C HIS A 311 26.22 17.98 -15.00
C1 994 B . -10.04 4.89 -6.31
C2 994 B . -9.73 4.12 -5.14
C3 994 B . -9.19 4.77 -4.00
C4 994 B . -8.96 6.20 -4.00
C5 994 B . -9.28 6.93 -5.17
C6 994 B . -9.81 6.31 -6.32
N9 994 B . -8.43 6.92 -2.93
C10 994 B . -8.43 6.64 -1.58
N11 994 B . -8.95 5.49 -1.12
C12 994 B . -8.96 5.20 0.24
N13 994 B . -8.38 6.16 1.03
C14 994 B . -7.88 7.28 0.48
N15 994 B . -7.88 7.57 -0.82
O17 994 B . -10.10 7.14 -7.42
C18 994 B . -9.09 7.12 -8.42
O22 994 B . -10.57 4.26 -7.42
C23 994 B . -11.99 4.22 -7.34
O27 994 B . -9.97 2.71 -5.15
C28 994 B . -9.06 1.92 -4.38
C32 994 B . -9.55 3.90 0.74
C33 994 B . -10.11 3.01 -0.20
C34 994 B . -10.69 1.78 0.17
C35 994 B . -10.72 1.43 1.53
N36 994 B . -10.20 2.26 2.46
C37 994 B . -9.63 3.47 2.11
N41 994 B . -9.14 4.27 3.12
C42 994 B . -9.51 4.18 4.43
C43 994 B . -8.76 3.42 5.37
C44 994 B . -9.18 3.35 6.74
C45 994 B . -10.35 4.05 7.14
C46 994 B . -11.10 4.81 6.20
C47 994 B . -10.68 4.87 4.86
#